data_3MG9
#
_entry.id   3MG9
#
_cell.length_a   66.119
_cell.length_b   80.154
_cell.length_c   132.937
_cell.angle_alpha   90.00
_cell.angle_beta   90.00
_cell.angle_gamma   90.00
#
_symmetry.space_group_name_H-M   'I 21 21 21'
#
loop_
_entity.id
_entity.type
_entity.pdbx_description
1 polymer TEG12
2 polymer 'TEICOPLANIN AGLYCONE'
3 non-polymer 'FORMIC ACID'
4 non-polymer GLYCEROL
5 water water
#
loop_
_entity_poly.entity_id
_entity_poly.type
_entity_poly.pdbx_seq_one_letter_code
_entity_poly.pdbx_strand_id
1 'polypeptide(L)'
;(UNK)(UNK)(UNK)(UNK)(UNK)(UNK)(UNK)(UNK)SMNGIRWIASYPKAGNTWVRCMLAAYITGKAPQVWNDIDA
ESLTLEAMLRFGDLPPAEPMEPVLVKTHLKADVPVLGLYGEATAKVLYLVRNPRDMLLSSMRMASISRDDVEKSRDFARK
FIANEGLGWNALGAGGGVGLGSWPENVRSWTESSSDRFPNADVLTMRYEDLKGDPVARFSEIVEFLDLGGPVDIEDIRRA
VAASTLERMRELEKRSEQQGGGSPIRHGDARMMKGGPGGARPQFVGEGRYDQSLSFLGEDIESDYQELLHGDSGFALYAK
QYGYAG
;
A
2 'polypeptide(L)' (GHP)(3MY)(3FG)(GHP)(GHP)(OMY)(3FG) B,C
#
# COMPACT_ATOMS: atom_id res chain seq x y z
N UNK A 5 -9.84 18.42 23.77
CA UNK A 5 -10.70 17.98 24.86
C UNK A 5 -11.70 16.91 24.41
N UNK A 6 -11.24 16.02 23.53
CA UNK A 6 -12.05 14.87 23.10
C UNK A 6 -11.11 13.75 22.67
N UNK A 7 -11.66 12.55 22.54
CA UNK A 7 -10.83 11.39 22.23
C UNK A 7 -11.41 10.55 21.09
N UNK A 8 -10.64 9.56 20.65
CA UNK A 8 -11.02 8.72 19.52
C UNK A 8 -11.05 9.52 18.24
N SER A 9 3.39 3.46 24.90
CA SER A 9 3.01 2.67 23.74
C SER A 9 3.69 1.30 23.67
N MET A 10 2.97 0.35 23.12
CA MET A 10 3.46 -1.01 22.85
C MET A 10 4.71 -0.99 21.98
N ASN A 11 5.72 -1.75 22.36
CA ASN A 11 6.94 -1.87 21.56
C ASN A 11 6.75 -2.83 20.41
N GLY A 12 7.60 -2.70 19.40
CA GLY A 12 7.56 -3.64 18.29
C GLY A 12 7.37 -3.03 16.91
N ILE A 13 7.34 -3.90 15.92
CA ILE A 13 7.24 -3.45 14.54
C ILE A 13 5.82 -3.09 14.13
N ARG A 14 5.73 -2.02 13.35
CA ARG A 14 4.51 -1.58 12.69
C ARG A 14 4.73 -1.74 11.20
N TRP A 15 4.11 -2.74 10.59
CA TRP A 15 4.24 -2.90 9.16
C TRP A 15 3.27 -2.00 8.41
N ILE A 16 3.81 -1.23 7.47
CA ILE A 16 2.99 -0.44 6.56
C ILE A 16 3.04 -1.17 5.22
N ALA A 17 2.07 -2.06 5.03
CA ALA A 17 2.09 -2.99 3.92
C ALA A 17 1.01 -2.70 2.88
N SER A 18 1.35 -2.93 1.62
CA SER A 18 0.38 -2.86 0.53
C SER A 18 0.99 -3.47 -0.72
N TYR A 19 0.15 -3.81 -1.68
CA TYR A 19 0.61 -4.08 -3.03
C TYR A 19 1.26 -2.80 -3.59
N PRO A 20 2.09 -2.95 -4.61
CA PRO A 20 2.66 -1.78 -5.28
C PRO A 20 1.59 -0.79 -5.73
N LYS A 21 1.75 0.47 -5.37
CA LYS A 21 0.86 1.56 -5.80
C LYS A 21 -0.49 1.52 -5.08
N ALA A 22 -0.58 0.74 -4.01
CA ALA A 22 -1.85 0.58 -3.32
C ALA A 22 -1.93 1.50 -2.12
N GLY A 23 -0.85 2.23 -1.85
CA GLY A 23 -0.88 3.27 -0.85
C GLY A 23 0.18 3.32 0.25
N ASN A 24 0.98 2.28 0.41
CA ASN A 24 1.87 2.26 1.56
C ASN A 24 2.89 3.42 1.56
N THR A 25 3.39 3.80 0.40
CA THR A 25 4.32 4.92 0.31
C THR A 25 3.63 6.22 0.75
N TRP A 26 2.42 6.43 0.26
CA TRP A 26 1.64 7.63 0.59
C TRP A 26 1.43 7.76 2.11
N VAL A 27 1.03 6.66 2.76
CA VAL A 27 0.81 6.68 4.20
C VAL A 27 2.11 6.95 4.95
N ARG A 28 3.19 6.33 4.47
CA ARG A 28 4.48 6.47 5.11
C ARG A 28 5.02 7.91 5.06
N CYS A 29 4.73 8.62 3.97
CA CYS A 29 5.14 10.01 3.84
C CYS A 29 4.29 10.91 4.73
N MET A 30 2.99 10.63 4.77
CA MET A 30 2.14 11.33 5.73
C MET A 30 2.61 11.11 7.15
N LEU A 31 3.02 9.88 7.47
CA LEU A 31 3.53 9.59 8.82
C LEU A 31 4.82 10.36 9.10
N ALA A 32 5.62 10.56 8.05
CA ALA A 32 6.88 11.28 8.21
C ALA A 32 6.60 12.75 8.52
N ALA A 33 5.57 13.31 7.88
CA ALA A 33 5.17 14.67 8.18
C ALA A 33 4.64 14.72 9.60
N TYR A 34 3.80 13.75 9.96
CA TYR A 34 3.21 13.67 11.30
C TYR A 34 4.28 13.60 12.38
N ILE A 35 5.30 12.79 12.16
CA ILE A 35 6.31 12.54 13.18
C ILE A 35 7.38 13.62 13.24
N THR A 36 7.87 14.06 12.08
CA THR A 36 9.02 14.96 12.02
C THR A 36 8.65 16.42 11.79
N GLY A 37 7.48 16.65 11.21
CA GLY A 37 7.07 18.00 10.89
C GLY A 37 6.97 18.23 9.40
N LYS A 38 7.74 17.47 8.63
CA LYS A 38 7.71 17.57 7.17
C LYS A 38 7.87 16.22 6.47
N ALA A 39 7.18 16.07 5.35
CA ALA A 39 7.33 14.89 4.50
C ALA A 39 8.55 15.07 3.61
N PRO A 40 9.05 13.96 3.04
CA PRO A 40 10.20 14.09 2.14
C PRO A 40 9.90 15.07 1.01
N GLN A 41 10.93 15.68 0.45
CA GLN A 41 10.75 16.54 -0.71
C GLN A 41 10.35 15.70 -1.90
N VAL A 42 11.02 14.55 -2.04
CA VAL A 42 10.72 13.57 -3.08
C VAL A 42 10.19 12.32 -2.38
N TRP A 43 8.92 12.01 -2.62
CA TRP A 43 8.29 10.89 -1.93
C TRP A 43 8.96 9.55 -2.28
N ASN A 44 9.48 9.45 -3.50
CA ASN A 44 10.19 8.24 -3.93
C ASN A 44 11.58 8.08 -3.33
N ASP A 45 11.98 9.05 -2.50
CA ASP A 45 13.23 8.94 -1.74
C ASP A 45 12.91 8.64 -0.28
N ILE A 46 11.69 8.19 0.00
CA ILE A 46 11.25 7.93 1.36
C ILE A 46 12.19 6.94 2.05
N ASP A 47 12.77 6.03 1.28
CA ASP A 47 13.65 4.98 1.81
C ASP A 47 14.91 5.56 2.44
N ALA A 48 15.28 6.77 2.03
CA ALA A 48 16.46 7.44 2.57
C ALA A 48 16.27 7.77 4.03
N GLU A 49 15.05 8.08 4.41
CA GLU A 49 14.77 8.58 5.75
C GLU A 49 13.81 7.69 6.55
N SER A 50 13.68 6.44 6.14
CA SER A 50 12.80 5.51 6.84
C SER A 50 13.16 4.07 6.49
N LEU A 51 12.49 3.13 7.16
CA LEU A 51 12.79 1.72 6.96
C LEU A 51 11.87 1.06 5.93
N THR A 52 12.41 0.80 4.74
CA THR A 52 11.71 -0.02 3.75
C THR A 52 12.42 -1.36 3.62
N LEU A 53 11.71 -2.43 3.98
CA LEU A 53 12.30 -3.76 4.06
C LEU A 53 13.10 -4.14 2.82
N GLU A 54 12.50 -3.95 1.65
CA GLU A 54 13.15 -4.29 0.39
C GLU A 54 14.46 -3.53 0.21
N ALA A 55 14.45 -2.22 0.49
CA ALA A 55 15.66 -1.43 0.40
C ALA A 55 16.69 -1.89 1.42
N MET A 56 16.25 -2.18 2.64
CA MET A 56 17.16 -2.65 3.69
C MET A 56 17.82 -3.99 3.31
N LEU A 57 17.02 -4.90 2.79
CA LEU A 57 17.50 -6.23 2.39
C LEU A 57 18.57 -6.15 1.32
N ARG A 58 18.49 -5.16 0.44
CA ARG A 58 19.53 -4.94 -0.57
C ARG A 58 20.91 -4.83 0.07
N PHE A 59 20.97 -4.29 1.28
CA PHE A 59 22.25 -4.11 1.96
C PHE A 59 22.53 -5.20 2.99
N GLY A 60 21.67 -6.22 3.03
CA GLY A 60 21.79 -7.26 4.05
C GLY A 60 21.33 -6.80 5.42
N ASP A 61 20.64 -5.66 5.47
CA ASP A 61 20.14 -5.12 6.72
C ASP A 61 18.72 -5.64 7.06
N LEU A 62 18.39 -5.62 8.34
CA LEU A 62 17.10 -6.11 8.84
C LEU A 62 16.54 -5.19 9.93
N PRO A 63 15.22 -5.12 10.03
CA PRO A 63 14.59 -4.48 11.20
C PRO A 63 15.00 -5.20 12.48
N PRO A 64 15.00 -4.50 13.62
CA PRO A 64 15.38 -5.09 14.91
C PRO A 64 14.46 -6.25 15.26
N ALA A 65 15.04 -7.39 15.64
CA ALA A 65 14.24 -8.56 15.96
C ALA A 65 13.69 -8.48 17.39
N GLU A 66 14.18 -7.51 18.15
CA GLU A 66 13.77 -7.31 19.53
C GLU A 66 13.68 -5.83 19.84
N PRO A 67 12.80 -5.10 19.13
CA PRO A 67 12.71 -3.63 19.19
C PRO A 67 12.39 -3.07 20.58
N MET A 68 13.06 -1.97 20.93
CA MET A 68 12.88 -1.33 22.22
C MET A 68 11.89 -0.18 22.13
N GLU A 69 11.17 -0.11 21.01
CA GLU A 69 10.29 1.02 20.74
C GLU A 69 9.48 0.72 19.49
N PRO A 70 8.45 1.53 19.21
CA PRO A 70 7.71 1.42 17.93
C PRO A 70 8.64 1.68 16.75
N VAL A 71 8.61 0.78 15.78
CA VAL A 71 9.42 0.87 14.57
C VAL A 71 8.54 0.66 13.35
N LEU A 72 8.50 1.67 12.47
CA LEU A 72 7.73 1.61 11.23
C LEU A 72 8.53 0.98 10.10
N VAL A 73 7.99 -0.09 9.50
CA VAL A 73 8.66 -0.73 8.37
C VAL A 73 7.67 -0.92 7.20
N LYS A 74 8.05 -0.41 6.05
CA LYS A 74 7.18 -0.44 4.87
C LYS A 74 7.60 -1.57 3.94
N THR A 75 6.62 -2.24 3.35
CA THR A 75 6.91 -3.38 2.48
C THR A 75 5.77 -3.73 1.50
N HIS A 76 6.13 -4.33 0.37
CA HIS A 76 5.15 -4.84 -0.59
C HIS A 76 5.12 -6.37 -0.54
N LEU A 77 6.11 -6.96 0.13
CA LEU A 77 6.24 -8.42 0.20
C LEU A 77 5.07 -9.08 0.93
N LYS A 78 4.64 -10.24 0.44
CA LYS A 78 3.67 -11.07 1.15
C LYS A 78 4.16 -11.35 2.57
N ALA A 79 3.22 -11.42 3.51
CA ALA A 79 3.55 -11.59 4.91
C ALA A 79 4.18 -12.97 5.21
N ASP A 80 4.05 -13.93 4.31
CA ASP A 80 4.55 -15.27 4.61
C ASP A 80 5.88 -15.63 3.95
N VAL A 81 6.59 -14.66 3.37
CA VAL A 81 7.97 -14.92 2.94
C VAL A 81 8.85 -15.12 4.16
N PRO A 82 9.87 -15.97 4.05
CA PRO A 82 10.78 -16.34 5.15
C PRO A 82 11.30 -15.15 5.97
N VAL A 83 11.66 -14.05 5.30
CA VAL A 83 12.17 -12.88 6.01
C VAL A 83 11.16 -12.39 7.05
N LEU A 84 9.88 -12.35 6.66
CA LEU A 84 8.83 -11.88 7.59
C LEU A 84 8.57 -12.82 8.76
N GLY A 85 8.89 -14.10 8.60
CA GLY A 85 8.79 -15.07 9.68
C GLY A 85 9.78 -14.84 10.82
N LEU A 86 10.68 -13.88 10.64
CA LEU A 86 11.63 -13.55 11.69
C LEU A 86 10.98 -12.62 12.69
N TYR A 87 9.79 -12.15 12.35
CA TYR A 87 9.14 -11.09 13.11
C TYR A 87 7.84 -11.50 13.77
N GLY A 88 7.64 -12.80 13.93
CA GLY A 88 6.47 -13.34 14.60
C GLY A 88 6.23 -12.81 16.00
N GLU A 89 7.27 -12.72 16.81
CA GLU A 89 7.14 -12.19 18.16
C GLU A 89 7.26 -10.67 18.20
N ALA A 90 8.06 -10.11 17.29
CA ALA A 90 8.41 -8.69 17.33
C ALA A 90 7.34 -7.74 16.75
N THR A 91 6.37 -8.31 16.04
CA THR A 91 5.36 -7.49 15.37
C THR A 91 4.25 -7.05 16.33
N ALA A 92 4.00 -5.74 16.35
CA ALA A 92 2.93 -5.18 17.18
C ALA A 92 1.69 -4.79 16.37
N LYS A 93 1.91 -4.23 15.18
CA LYS A 93 0.80 -3.74 14.36
C LYS A 93 0.99 -4.11 12.90
N VAL A 94 -0.12 -4.37 12.23
CA VAL A 94 -0.13 -4.43 10.78
C VAL A 94 -1.19 -3.48 10.23
N LEU A 95 -0.74 -2.53 9.42
CA LEU A 95 -1.65 -1.71 8.64
C LEU A 95 -1.54 -2.15 7.19
N TYR A 96 -2.64 -2.61 6.61
CA TYR A 96 -2.64 -3.08 5.24
C TYR A 96 -3.53 -2.17 4.37
N LEU A 97 -2.95 -1.58 3.34
CA LEU A 97 -3.71 -0.73 2.40
C LEU A 97 -4.08 -1.50 1.15
N VAL A 98 -5.35 -1.41 0.75
CA VAL A 98 -5.81 -1.97 -0.51
C VAL A 98 -6.24 -0.86 -1.45
N ARG A 99 -6.22 -1.17 -2.74
CA ARG A 99 -6.63 -0.22 -3.75
C ARG A 99 -7.28 -0.99 -4.90
N ASN A 100 -8.24 -0.35 -5.57
CA ASN A 100 -8.87 -0.91 -6.74
C ASN A 100 -7.81 -1.37 -7.75
N PRO A 101 -7.87 -2.65 -8.12
CA PRO A 101 -6.88 -3.24 -9.02
C PRO A 101 -6.83 -2.62 -10.42
N ARG A 102 -7.95 -2.12 -10.93
CA ARG A 102 -7.91 -1.37 -12.18
C ARG A 102 -6.87 -0.26 -12.06
N ASP A 103 -6.92 0.47 -10.95
CA ASP A 103 -6.13 1.68 -10.78
C ASP A 103 -4.70 1.35 -10.41
N MET A 104 -4.51 0.33 -9.58
CA MET A 104 -3.18 -0.23 -9.34
C MET A 104 -2.55 -0.64 -10.67
N LEU A 105 -3.33 -1.31 -11.50
CA LEU A 105 -2.80 -1.87 -12.75
C LEU A 105 -2.26 -0.75 -13.62
N LEU A 106 -3.04 0.29 -13.80
CA LEU A 106 -2.66 1.38 -14.69
C LEU A 106 -1.53 2.20 -14.12
N SER A 107 -1.50 2.34 -12.79
CA SER A 107 -0.43 3.12 -12.16
C SER A 107 0.90 2.35 -12.10
N SER A 108 0.85 1.06 -11.78
CA SER A 108 2.08 0.26 -11.70
C SER A 108 2.71 0.06 -13.07
N MET A 109 1.88 0.20 -14.11
CA MET A 109 2.34 0.10 -15.50
C MET A 109 3.50 1.05 -15.77
N ARG A 110 3.36 2.29 -15.31
CA ARG A 110 4.39 3.31 -15.49
C ARG A 110 5.74 2.94 -14.88
N MET A 111 5.73 2.10 -13.85
CA MET A 111 6.96 1.65 -13.19
C MET A 111 7.75 0.65 -14.05
N ALA A 112 7.15 0.21 -15.15
CA ALA A 112 7.85 -0.63 -16.13
C ALA A 112 8.20 0.18 -17.37
N SER A 113 8.22 1.51 -17.21
CA SER A 113 8.56 2.41 -18.31
C SER A 113 7.60 2.26 -19.48
N ILE A 114 6.34 2.03 -19.15
CA ILE A 114 5.26 1.98 -20.12
C ILE A 114 4.36 3.18 -19.92
N SER A 115 4.38 4.08 -20.89
CA SER A 115 3.53 5.26 -20.89
C SER A 115 2.08 4.90 -21.25
N ARG A 116 1.13 5.65 -20.72
CA ARG A 116 -0.28 5.33 -20.87
C ARG A 116 -0.74 5.27 -22.33
N ASP A 117 -0.17 6.13 -23.17
CA ASP A 117 -0.56 6.15 -24.59
C ASP A 117 0.32 5.21 -25.46
N ASP A 118 1.05 4.32 -24.80
CA ASP A 118 1.78 3.28 -25.50
C ASP A 118 0.96 1.99 -25.45
N VAL A 119 0.01 1.87 -26.36
CA VAL A 119 -1.04 0.86 -26.23
C VAL A 119 -0.54 -0.56 -26.42
N GLU A 120 0.35 -0.79 -27.38
CA GLU A 120 0.88 -2.13 -27.58
C GLU A 120 1.55 -2.66 -26.32
N LYS A 121 2.43 -1.85 -25.73
CA LYS A 121 3.09 -2.24 -24.48
C LYS A 121 2.14 -2.32 -23.28
N SER A 122 1.20 -1.37 -23.18
CA SER A 122 0.19 -1.40 -22.11
C SER A 122 -0.66 -2.66 -22.20
N ARG A 123 -1.04 -3.01 -23.42
CA ARG A 123 -1.83 -4.23 -23.65
C ARG A 123 -1.15 -5.48 -23.13
N ASP A 124 0.14 -5.62 -23.39
CA ASP A 124 0.90 -6.78 -22.91
C ASP A 124 0.99 -6.80 -21.38
N PHE A 125 1.23 -5.62 -20.80
CA PHE A 125 1.34 -5.52 -19.36
C PHE A 125 0.03 -5.93 -18.67
N ALA A 126 -1.08 -5.40 -19.17
CA ALA A 126 -2.41 -5.70 -18.60
C ALA A 126 -2.80 -7.17 -18.78
N ARG A 127 -2.45 -7.73 -19.93
CA ARG A 127 -2.76 -9.14 -20.20
C ARG A 127 -2.05 -10.07 -19.20
N LYS A 128 -0.77 -9.79 -18.92
CA LYS A 128 0.00 -10.57 -17.96
C LYS A 128 -0.54 -10.38 -16.55
N PHE A 129 -1.00 -9.18 -16.25
CA PHE A 129 -1.55 -8.83 -14.96
C PHE A 129 -2.86 -9.60 -14.72
N ILE A 130 -3.73 -9.59 -15.73
CA ILE A 130 -5.00 -10.29 -15.65
C ILE A 130 -4.82 -11.79 -15.56
N ALA A 131 -3.87 -12.33 -16.33
CA ALA A 131 -3.63 -13.78 -16.34
C ALA A 131 -3.02 -14.28 -15.02
N ASN A 132 -2.21 -13.44 -14.38
CA ASN A 132 -1.53 -13.82 -13.13
C ASN A 132 -2.23 -13.28 -11.89
N GLU A 133 -3.32 -12.55 -12.10
CA GLU A 133 -4.09 -11.93 -11.02
C GLU A 133 -3.23 -10.99 -10.19
N GLY A 134 -2.33 -10.28 -10.87
CA GLY A 134 -1.46 -9.31 -10.21
C GLY A 134 -0.07 -9.19 -10.83
N LEU A 135 0.89 -8.75 -10.03
CA LEU A 135 2.21 -8.35 -10.50
C LEU A 135 3.33 -9.32 -10.18
N GLY A 136 3.00 -10.47 -9.60
CA GLY A 136 4.01 -11.42 -9.15
C GLY A 136 4.76 -12.20 -10.21
N TRP A 137 4.60 -11.83 -11.48
CA TRP A 137 5.37 -12.42 -12.57
C TRP A 137 6.57 -11.52 -12.84
N ASN A 138 6.27 -10.25 -13.01
CA ASN A 138 7.25 -9.18 -13.20
C ASN A 138 8.43 -9.30 -12.24
N GLY A 144 8.77 -6.64 -7.29
CA GLY A 144 9.10 -7.52 -6.19
C GLY A 144 9.05 -8.98 -6.61
N GLY A 145 8.38 -9.23 -7.73
CA GLY A 145 8.28 -10.55 -8.33
C GLY A 145 7.45 -11.55 -7.54
N VAL A 146 7.97 -12.76 -7.41
CA VAL A 146 7.27 -13.83 -6.70
C VAL A 146 7.14 -13.56 -5.20
N GLY A 147 7.89 -12.59 -4.68
CA GLY A 147 7.82 -12.22 -3.28
C GLY A 147 6.56 -11.41 -2.97
N LEU A 148 6.01 -10.79 -4.01
CA LEU A 148 4.76 -10.04 -3.93
C LEU A 148 3.58 -10.99 -3.86
N GLY A 149 3.70 -12.10 -4.59
CA GLY A 149 2.57 -12.95 -4.90
C GLY A 149 1.59 -12.22 -5.81
N SER A 150 0.55 -12.94 -6.20
CA SER A 150 -0.61 -12.29 -6.82
C SER A 150 -1.31 -11.35 -5.83
N TRP A 151 -2.23 -10.53 -6.33
CA TRP A 151 -3.00 -9.62 -5.46
C TRP A 151 -3.78 -10.34 -4.35
N PRO A 152 -4.56 -11.38 -4.71
CA PRO A 152 -5.30 -12.20 -3.73
C PRO A 152 -4.37 -12.87 -2.71
N GLU A 153 -3.22 -13.36 -3.16
CA GLU A 153 -2.26 -13.97 -2.23
C GLU A 153 -1.64 -12.94 -1.29
N ASN A 154 -1.30 -11.77 -1.82
CA ASN A 154 -0.72 -10.72 -0.99
C ASN A 154 -1.74 -10.26 0.05
N VAL A 155 -2.96 -10.01 -0.39
CA VAL A 155 -4.04 -9.62 0.52
C VAL A 155 -4.27 -10.65 1.63
N ARG A 156 -4.40 -11.92 1.23
CA ARG A 156 -4.68 -12.99 2.17
C ARG A 156 -3.55 -13.15 3.19
N SER A 157 -2.31 -13.07 2.72
CA SER A 157 -1.15 -13.27 3.58
C SER A 157 -1.13 -12.24 4.71
N TRP A 158 -1.49 -10.99 4.41
CA TRP A 158 -1.48 -9.94 5.43
C TRP A 158 -2.74 -9.83 6.28
N THR A 159 -3.89 -10.27 5.78
CA THR A 159 -5.15 -10.07 6.50
C THR A 159 -5.79 -11.36 7.04
N GLU A 160 -5.11 -12.48 6.82
CA GLU A 160 -5.64 -13.77 7.24
C GLU A 160 -4.57 -14.58 7.97
N SER A 161 -4.98 -15.20 9.08
CA SER A 161 -4.08 -16.02 9.91
C SER A 161 -2.97 -15.18 10.53
N SER A 162 -3.27 -13.90 10.77
CA SER A 162 -2.36 -13.01 11.48
C SER A 162 -2.26 -13.44 12.93
N SER A 163 -3.35 -13.96 13.46
CA SER A 163 -3.34 -14.45 14.83
C SER A 163 -2.26 -15.52 15.01
N ASP A 164 -1.92 -16.20 13.91
CA ASP A 164 -0.88 -17.23 13.96
C ASP A 164 0.51 -16.71 13.55
N ARG A 165 0.54 -15.95 12.46
CA ARG A 165 1.78 -15.41 11.91
C ARG A 165 2.37 -14.32 12.83
N PHE A 166 1.52 -13.41 13.29
CA PHE A 166 1.92 -12.36 14.22
C PHE A 166 1.01 -12.40 15.45
N PRO A 167 1.18 -13.42 16.31
CA PRO A 167 0.32 -13.68 17.47
C PRO A 167 0.09 -12.45 18.36
N ASN A 168 1.08 -11.56 18.47
CA ASN A 168 0.98 -10.43 19.39
C ASN A 168 0.38 -9.17 18.77
N ALA A 169 0.00 -9.23 17.49
CA ALA A 169 -0.29 -8.02 16.73
C ALA A 169 -1.76 -7.73 16.47
N ASP A 170 -2.05 -6.45 16.27
CA ASP A 170 -3.36 -6.02 15.78
C ASP A 170 -3.24 -5.69 14.29
N VAL A 171 -4.30 -5.98 13.54
CA VAL A 171 -4.32 -5.75 12.11
C VAL A 171 -5.44 -4.80 11.74
N LEU A 172 -5.12 -3.81 10.90
CA LEU A 172 -6.13 -2.90 10.34
C LEU A 172 -5.97 -2.79 8.83
N THR A 173 -7.06 -2.96 8.10
CA THR A 173 -7.06 -2.82 6.66
C THR A 173 -7.79 -1.56 6.28
N MET A 174 -7.21 -0.76 5.39
CA MET A 174 -7.89 0.42 4.88
C MET A 174 -7.78 0.56 3.37
N ARG A 175 -8.84 1.08 2.76
CA ARG A 175 -8.83 1.38 1.33
C ARG A 175 -8.14 2.71 1.06
N TYR A 176 -7.25 2.70 0.08
CA TYR A 176 -6.65 3.89 -0.47
C TYR A 176 -7.71 4.95 -0.81
N GLU A 177 -8.83 4.50 -1.37
CA GLU A 177 -9.89 5.40 -1.81
C GLU A 177 -10.56 6.11 -0.63
N ASP A 178 -10.64 5.44 0.50
CA ASP A 178 -11.22 6.04 1.70
C ASP A 178 -10.27 7.06 2.34
N LEU A 179 -8.96 6.82 2.24
CA LEU A 179 -7.98 7.77 2.74
C LEU A 179 -7.93 8.99 1.83
N LYS A 180 -8.01 8.74 0.52
CA LYS A 180 -8.02 9.82 -0.47
C LYS A 180 -9.24 10.70 -0.27
N GLY A 181 -10.35 10.06 0.11
CA GLY A 181 -11.61 10.75 0.23
C GLY A 181 -11.70 11.62 1.46
N ASP A 182 -11.20 11.10 2.58
CA ASP A 182 -11.33 11.79 3.87
C ASP A 182 -10.04 11.65 4.70
N PRO A 183 -8.99 12.34 4.28
CA PRO A 183 -7.63 12.25 4.85
C PRO A 183 -7.61 12.57 6.34
N VAL A 184 -8.33 13.60 6.75
CA VAL A 184 -8.34 14.00 8.16
C VAL A 184 -8.91 12.89 9.04
N ALA A 185 -10.06 12.36 8.66
CA ALA A 185 -10.72 11.36 9.47
C ALA A 185 -9.97 10.03 9.42
N ARG A 186 -9.51 9.65 8.23
CA ARG A 186 -8.87 8.37 8.01
C ARG A 186 -7.44 8.29 8.53
N PHE A 187 -6.65 9.32 8.26
CA PHE A 187 -5.28 9.34 8.78
C PHE A 187 -5.23 9.37 10.31
N SER A 188 -6.20 10.00 10.95
CA SER A 188 -6.19 10.00 12.40
C SER A 188 -6.56 8.61 12.97
N GLU A 189 -7.42 7.87 12.26
CA GLU A 189 -7.67 6.47 12.63
C GLU A 189 -6.37 5.69 12.49
N ILE A 190 -5.66 5.95 11.41
CA ILE A 190 -4.39 5.27 11.17
C ILE A 190 -3.40 5.49 12.30
N VAL A 191 -3.22 6.74 12.72
CA VAL A 191 -2.23 7.06 13.72
C VAL A 191 -2.64 6.54 15.09
N GLU A 192 -3.92 6.68 15.41
CA GLU A 192 -4.47 6.09 16.63
C GLU A 192 -4.18 4.59 16.65
N PHE A 193 -4.51 3.90 15.57
CA PHE A 193 -4.25 2.46 15.46
C PHE A 193 -2.78 2.10 15.68
N LEU A 194 -1.87 2.83 15.04
CA LEU A 194 -0.46 2.49 15.08
C LEU A 194 0.13 2.64 16.50
N ASP A 195 -0.44 3.54 17.28
CA ASP A 195 -0.09 3.65 18.69
C ASP A 195 1.38 4.00 18.85
N LEU A 196 1.80 5.10 18.25
CA LEU A 196 3.20 5.48 18.24
C LEU A 196 3.61 6.18 19.54
N GLY A 197 2.69 6.24 20.50
CA GLY A 197 2.99 6.79 21.80
C GLY A 197 2.38 8.16 22.08
N GLY A 198 1.67 8.27 23.18
CA GLY A 198 1.05 9.52 23.56
C GLY A 198 -0.14 9.85 22.71
N PRO A 199 -0.80 10.99 23.00
CA PRO A 199 -2.02 11.39 22.30
C PRO A 199 -1.71 11.83 20.88
N VAL A 200 -2.57 11.45 19.94
CA VAL A 200 -2.45 11.97 18.59
C VAL A 200 -3.07 13.35 18.58
N ASP A 201 -2.27 14.37 18.25
CA ASP A 201 -2.82 15.72 18.25
C ASP A 201 -3.23 16.13 16.83
N ILE A 202 -4.36 16.81 16.78
CA ILE A 202 -4.95 17.26 15.52
C ILE A 202 -3.97 18.13 14.72
N GLU A 203 -3.03 18.78 15.41
CA GLU A 203 -2.08 19.66 14.74
C GLU A 203 -1.07 18.89 13.90
N ASP A 204 -0.67 17.71 14.39
CA ASP A 204 0.25 16.88 13.64
C ASP A 204 -0.50 16.18 12.51
N ILE A 205 -1.78 15.93 12.74
CA ILE A 205 -2.64 15.35 11.72
C ILE A 205 -2.78 16.33 10.56
N ARG A 206 -2.94 17.62 10.89
CA ARG A 206 -3.07 18.66 9.88
C ARG A 206 -1.79 18.80 9.05
N ARG A 207 -0.64 18.85 9.71
CA ARG A 207 0.65 18.86 9.02
C ARG A 207 0.77 17.72 8.00
N ALA A 208 0.29 16.53 8.40
CA ALA A 208 0.33 15.37 7.50
C ALA A 208 -0.57 15.54 6.26
N VAL A 209 -1.73 16.16 6.46
CA VAL A 209 -2.67 16.36 5.35
C VAL A 209 -2.15 17.46 4.45
N ALA A 210 -1.59 18.50 5.05
CA ALA A 210 -0.98 19.59 4.31
C ALA A 210 0.12 19.09 3.39
N ALA A 211 0.95 18.18 3.91
CA ALA A 211 2.02 17.57 3.11
C ALA A 211 1.50 16.74 1.93
N SER A 212 0.36 16.08 2.12
CA SER A 212 -0.26 15.34 1.03
C SER A 212 -0.74 16.29 -0.06
N THR A 213 -1.35 17.39 0.36
CA THR A 213 -1.81 18.43 -0.56
C THR A 213 -0.63 18.96 -1.36
N LEU A 214 0.50 19.11 -0.66
CA LEU A 214 1.72 19.61 -1.27
C LEU A 214 2.17 18.68 -2.39
N GLU A 215 2.18 17.38 -2.10
CA GLU A 215 2.52 16.38 -3.11
C GLU A 215 1.62 16.53 -4.33
N ARG A 216 0.31 16.66 -4.08
CA ARG A 216 -0.63 16.83 -5.18
C ARG A 216 -0.32 18.09 -5.99
N MET A 217 0.18 19.13 -5.34
CA MET A 217 0.56 20.36 -6.05
C MET A 217 1.77 20.14 -6.94
N ARG A 218 2.69 19.29 -6.49
CA ARG A 218 3.82 18.89 -7.33
C ARG A 218 3.36 18.17 -8.62
N GLU A 219 2.42 17.25 -8.47
CA GLU A 219 1.88 16.51 -9.61
C GLU A 219 1.13 17.40 -10.59
N LEU A 220 0.28 18.28 -10.06
CA LEU A 220 -0.47 19.22 -10.89
C LEU A 220 0.47 20.06 -11.76
N GLU A 221 1.52 20.59 -11.16
CA GLU A 221 2.49 21.37 -11.93
C GLU A 221 3.14 20.56 -13.05
N LYS A 222 3.53 19.32 -12.75
CA LYS A 222 4.16 18.49 -13.76
C LYS A 222 3.17 18.09 -14.85
N ARG A 223 1.91 17.92 -14.48
CA ARG A 223 0.88 17.61 -15.47
C ARG A 223 0.57 18.82 -16.36
N SER A 224 0.87 20.01 -15.86
CA SER A 224 0.58 21.23 -16.59
C SER A 224 1.66 21.60 -17.61
N GLU A 225 2.80 20.91 -17.55
CA GLU A 225 3.89 21.13 -18.50
C GLU A 225 3.42 20.86 -19.92
N GLY A 256 -11.47 10.74 -15.18
CA GLY A 256 -11.78 9.76 -14.15
C GLY A 256 -10.54 9.01 -13.67
N ARG A 257 -10.28 9.10 -12.37
CA ARG A 257 -9.06 8.51 -11.81
C ARG A 257 -9.34 7.26 -11.00
N TYR A 258 -10.61 7.02 -10.69
CA TYR A 258 -10.98 5.92 -9.82
C TYR A 258 -11.82 4.92 -10.60
N ASP A 259 -11.59 3.63 -10.36
CA ASP A 259 -12.36 2.58 -11.02
C ASP A 259 -12.25 2.75 -12.55
N GLN A 260 -11.03 2.94 -13.04
CA GLN A 260 -10.82 3.31 -14.43
C GLN A 260 -11.11 2.17 -15.38
N SER A 261 -11.79 2.49 -16.48
CA SER A 261 -12.07 1.50 -17.50
C SER A 261 -10.81 1.11 -18.25
N LEU A 262 -10.74 -0.15 -18.67
CA LEU A 262 -9.60 -0.63 -19.45
C LEU A 262 -9.91 -0.71 -20.97
N SER A 263 -11.11 -0.29 -21.36
CA SER A 263 -11.50 -0.46 -22.76
C SER A 263 -10.73 0.40 -23.77
N PHE A 264 -10.09 1.49 -23.31
CA PHE A 264 -9.26 2.28 -24.20
C PHE A 264 -8.10 1.44 -24.76
N LEU A 265 -7.78 0.35 -24.07
CA LEU A 265 -6.68 -0.55 -24.46
C LEU A 265 -7.17 -1.64 -25.42
N GLY A 266 -8.49 -1.75 -25.56
CA GLY A 266 -9.07 -2.76 -26.41
C GLY A 266 -10.16 -3.46 -25.65
N GLU A 267 -11.19 -3.87 -26.36
CA GLU A 267 -12.39 -4.44 -25.77
C GLU A 267 -12.08 -5.76 -25.06
N ASP A 268 -11.10 -6.50 -25.59
CA ASP A 268 -10.71 -7.80 -25.03
C ASP A 268 -10.05 -7.65 -23.65
N ILE A 269 -9.36 -6.53 -23.44
CA ILE A 269 -8.71 -6.27 -22.16
C ILE A 269 -9.76 -6.01 -21.07
N GLU A 270 -10.68 -5.08 -21.35
CA GLU A 270 -11.76 -4.76 -20.42
C GLU A 270 -12.59 -6.00 -20.14
N SER A 271 -12.82 -6.77 -21.20
CA SER A 271 -13.65 -7.95 -21.12
C SER A 271 -13.00 -9.05 -20.30
N ASP A 272 -11.70 -9.24 -20.48
CA ASP A 272 -10.97 -10.25 -19.72
C ASP A 272 -10.90 -9.84 -18.26
N TYR A 273 -10.73 -8.55 -18.00
CA TYR A 273 -10.69 -8.07 -16.62
C TYR A 273 -12.00 -8.36 -15.92
N GLN A 274 -13.11 -8.06 -16.59
CA GLN A 274 -14.45 -8.30 -16.04
C GLN A 274 -14.70 -9.77 -15.76
N GLU A 275 -14.28 -10.63 -16.67
CA GLU A 275 -14.45 -12.06 -16.47
C GLU A 275 -13.80 -12.45 -15.14
N LEU A 276 -12.62 -11.88 -14.91
CA LEU A 276 -11.88 -12.13 -13.69
C LEU A 276 -12.65 -11.61 -12.45
N LEU A 277 -13.27 -10.43 -12.56
CA LEU A 277 -14.05 -9.85 -11.47
C LEU A 277 -15.26 -10.68 -11.08
N HIS A 278 -15.81 -11.40 -12.05
CA HIS A 278 -17.10 -12.06 -11.85
C HIS A 278 -16.98 -13.56 -11.73
N GLY A 279 -15.76 -14.05 -11.50
CA GLY A 279 -15.56 -15.46 -11.24
C GLY A 279 -15.69 -15.72 -9.75
N ASP A 280 -15.05 -16.80 -9.29
CA ASP A 280 -15.08 -17.11 -7.87
C ASP A 280 -13.66 -17.30 -7.34
N SER A 281 -12.71 -16.68 -8.03
CA SER A 281 -11.32 -16.68 -7.58
C SER A 281 -11.18 -15.85 -6.31
N GLY A 282 -10.03 -15.98 -5.64
CA GLY A 282 -9.69 -15.07 -4.56
C GLY A 282 -9.72 -13.62 -5.03
N PHE A 283 -9.25 -13.38 -6.24
CA PHE A 283 -9.34 -12.06 -6.87
C PHE A 283 -10.76 -11.48 -6.86
N ALA A 284 -11.73 -12.27 -7.33
CA ALA A 284 -13.11 -11.80 -7.40
C ALA A 284 -13.67 -11.62 -6.00
N LEU A 285 -13.25 -12.47 -5.07
CA LEU A 285 -13.69 -12.42 -3.69
C LEU A 285 -13.29 -11.13 -3.00
N TYR A 286 -12.01 -10.80 -3.11
CA TYR A 286 -11.50 -9.60 -2.47
C TYR A 286 -12.00 -8.32 -3.15
N ALA A 287 -12.14 -8.35 -4.47
CA ALA A 287 -12.69 -7.21 -5.21
C ALA A 287 -14.12 -6.91 -4.75
N LYS A 288 -14.94 -7.94 -4.63
CA LYS A 288 -16.30 -7.76 -4.13
C LYS A 288 -16.24 -7.26 -2.69
N GLN A 289 -15.40 -7.90 -1.88
CA GLN A 289 -15.32 -7.55 -0.47
C GLN A 289 -14.95 -6.08 -0.23
N TYR A 290 -14.16 -5.49 -1.12
CA TYR A 290 -13.69 -4.13 -0.89
C TYR A 290 -14.37 -3.11 -1.81
N GLY A 291 -15.50 -3.52 -2.38
CA GLY A 291 -16.30 -2.65 -3.24
C GLY A 291 -15.63 -2.28 -4.57
N TYR A 292 -14.81 -3.17 -5.12
CA TYR A 292 -14.14 -2.90 -6.38
C TYR A 292 -14.76 -3.69 -7.54
N ALA A 293 -15.85 -4.42 -7.25
CA ALA A 293 -16.46 -5.26 -8.29
C ALA A 293 -17.68 -4.63 -8.94
N GLY A 294 -18.46 -3.88 -8.17
CA GLY A 294 -19.69 -3.28 -8.66
C GLY A 294 -19.62 -2.81 -10.09
#